data_3DIO
#
_entry.id   3DIO
#
_cell.length_a   53.918
_cell.length_b   78.004
_cell.length_c   140.835
_cell.angle_alpha   90.00
_cell.angle_beta   90.00
_cell.angle_gamma   90.00
#
_symmetry.space_group_name_H-M   'P 21 21 21'
#
loop_
_entity.id
_entity.type
_entity.pdbx_description
1 polymer 'RNA (174-MER)'
2 non-polymer 'POTASSIUM ION'
3 non-polymer 'SODIUM ION'
4 non-polymer 'IRIDIUM HEXAMMINE ION'
5 non-polymer LYSINE
6 non-polymer 'PENTAETHYLENE GLYCOL'
7 water water
#
_entity_poly.entity_id   1
_entity_poly.type   'polyribonucleotide'
_entity_poly.pdbx_seq_one_letter_code
;GGCCGACGGAGGCGCGCCCGAGAUGAGUAGGCUGUCCCAUCAGGGGAGGAAUCGGGGACGGCUGAAAGGCGAGGGCGCCG
AAGGGUGCAGAGUUCCUCCCGCUCUGCAUGCCUGGGGGUAUGGGGAAUACCCAUACCACUGUCACGGAGGUCUCUCCGUG
GAGAGCCGUCGGU(CCC)
;
_entity_poly.pdbx_strand_id   X
#
loop_
_chem_comp.id
_chem_comp.type
_chem_comp.name
_chem_comp.formula
1PE non-polymer 'PENTAETHYLENE GLYCOL' 'C10 H22 O6'
A RNA linking ADENOSINE-5'-MONOPHOSPHATE 'C10 H14 N5 O7 P'
C RNA linking CYTIDINE-5'-MONOPHOSPHATE 'C9 H14 N3 O8 P'
CCC RNA linking 'CYTIDINE-5'-PHOSPHATE-2',3'-CYCLIC PHOSPHATE' 'C9 H13 N3 O10 P2'
G RNA linking GUANOSINE-5'-MONOPHOSPHATE 'C10 H14 N5 O8 P'
IRI non-polymer 'IRIDIUM HEXAMMINE ION' 'H18 Ir N6 3'
K non-polymer 'POTASSIUM ION' 'K 1'
NA non-polymer 'SODIUM ION' 'Na 1'
U RNA linking URIDINE-5'-MONOPHOSPHATE 'C9 H13 N2 O9 P'
#
# COMPACT_ATOMS: atom_id res chain seq x y z
PC CCC A 174 4.42 -34.20 -16.53
O1C CCC A 174 3.88 -35.41 -17.17
O2C CCC A 174 3.89 -33.79 -15.17
P CCC A 174 11.25 -32.53 -18.05
OP1 CCC A 174 11.48 -33.74 -17.17
OP2 CCC A 174 11.84 -32.45 -19.43
O5' CCC A 174 9.66 -32.35 -18.23
C5' CCC A 174 8.75 -33.38 -17.85
C4' CCC A 174 7.86 -32.83 -16.75
O4' CCC A 174 7.57 -31.44 -16.98
C3' CCC A 174 6.45 -33.36 -16.79
O3' CCC A 174 5.69 -34.18 -15.91
C2' CCC A 174 5.68 -32.63 -17.82
O2' CCC A 174 4.32 -32.87 -17.46
C1' CCC A 174 6.25 -31.25 -17.54
N1 CCC A 174 6.31 -30.46 -18.79
C2 CCC A 174 5.14 -29.86 -19.33
O2 CCC A 174 4.03 -29.97 -18.78
N3 CCC A 174 5.22 -29.15 -20.49
C4 CCC A 174 6.41 -29.00 -21.13
N4 CCC A 174 6.47 -28.28 -22.27
C5 CCC A 174 7.56 -29.59 -20.60
C6 CCC A 174 7.48 -30.31 -19.42
K K B . -3.40 5.81 -10.78
NA NA C . 10.83 19.28 3.50
NA NA D . 9.75 23.65 12.11
NA NA E . 3.69 6.18 -17.42
NA NA F . 11.68 -3.77 -14.14
NA NA G . -0.69 -7.43 -2.51
NA NA H . -2.49 5.18 0.82
NA NA I . 10.07 3.32 25.58
NA NA J . 2.84 -13.35 -23.32
NA NA K . 4.99 31.80 31.70
NA NA L . -5.42 16.57 -13.75
NA NA M . -6.03 18.24 -0.95
NA NA N . 10.59 21.69 10.17
NA NA O . 2.47 15.06 7.65
NA NA P . 1.23 5.38 -0.21
IR IRI Q . 6.76 -22.89 -23.75
N1 IRI Q . 5.78 -21.25 -23.06
N2 IRI Q . 7.53 -21.79 -25.28
N3 IRI Q . 7.73 -24.53 -24.45
N4 IRI Q . 5.99 -23.98 -22.22
N5 IRI Q . 8.38 -22.44 -22.61
N6 IRI Q . 5.14 -23.33 -24.89
IR IRI R . 10.52 -13.69 0.98
N1 IRI R . 9.71 -12.27 2.17
N2 IRI R . 12.12 -13.82 2.21
N3 IRI R . 11.33 -15.11 -0.22
N4 IRI R . 8.92 -13.57 -0.25
N5 IRI R . 9.59 -15.14 2.06
N6 IRI R . 11.45 -12.26 -0.10
IR IRI S . -8.85 14.82 14.02
N1 IRI S . -10.47 15.46 13.00
N2 IRI S . -7.78 14.80 12.30
N3 IRI S . -7.22 14.18 15.04
N4 IRI S . -9.91 14.86 15.74
N5 IRI S . -8.29 16.75 14.32
N6 IRI S . -9.41 12.90 13.72
IR IRI T . 8.38 26.58 44.65
IR IRI T . 9.88 25.87 48.21
N1 IRI T . 9.27 27.83 45.97
N1 IRI T . 10.60 26.18 50.07
N2 IRI T . 8.62 27.96 43.18
N2 IRI T . 10.69 27.62 47.60
N3 IRI T . 7.49 25.34 43.31
N3 IRI T . 9.16 25.56 46.34
N4 IRI T . 8.14 25.20 46.10
N4 IRI T . 9.07 24.12 48.81
N5 IRI T . 10.18 25.77 44.18
N5 IRI T . 11.59 24.91 47.70
N6 IRI T . 6.58 27.38 45.10
N6 IRI T . 8.17 26.83 48.71
IR IRI U . 6.56 -2.40 4.70
N1 IRI U . 5.40 -1.08 5.72
N2 IRI U . 5.65 -1.88 2.97
N3 IRI U . 7.71 -3.70 3.66
N4 IRI U . 7.48 -2.91 6.43
N5 IRI U . 7.94 -0.95 4.40
N6 IRI U . 5.18 -3.85 5.00
IR IRI V . -1.84 13.98 -2.98
N1 IRI V . -2.69 12.87 -1.50
N2 IRI V . -0.19 12.81 -2.86
N3 IRI V . -0.97 15.07 -4.46
N4 IRI V . -3.50 15.15 -3.07
N5 IRI V . -2.66 12.75 -4.37
N6 IRI V . -1.03 15.22 -1.59
IR IRI W . -18.20 -14.42 -25.93
N1 IRI W . -19.10 -14.18 -24.13
N2 IRI W . -17.04 -15.88 -25.16
N3 IRI W . -17.31 -14.65 -27.73
N4 IRI W . -19.37 -12.95 -26.71
N5 IRI W . -19.60 -15.80 -26.44
N6 IRI W . -16.82 -13.03 -25.42
IR IRI X . -20.06 -10.50 -31.80
N1 IRI X . -21.30 -9.26 -30.79
N2 IRI X . -19.80 -9.07 -33.22
N3 IRI X . -18.82 -11.73 -32.82
N4 IRI X . -20.31 -11.93 -30.39
N5 IRI X . -18.48 -9.75 -30.79
N6 IRI X . -21.65 -11.24 -32.82
IR IRI Y . -9.83 -0.11 -3.06
N1 IRI Y . -8.69 -0.04 -1.38
N2 IRI Y . -9.34 1.83 -3.45
N3 IRI Y . -10.95 -0.19 -4.75
N4 IRI Y . -10.31 -2.03 -2.65
N5 IRI Y . -8.21 -0.73 -4.12
N6 IRI Y . -11.44 0.52 -2.02
IR IRI Z . -4.27 15.15 20.43
N1 IRI Z . -3.06 16.16 21.71
N2 IRI Z . -3.70 16.38 18.92
N3 IRI Z . -5.47 14.15 19.14
N4 IRI Z . -4.83 13.91 21.92
N5 IRI Z . -2.74 13.90 19.97
N6 IRI Z . -5.80 16.40 20.88
IR IRI AA . -18.67 2.04 -16.66
IR IRI AA . -20.15 5.61 -17.06
N1 IRI AA . -19.98 1.29 -15.29
N1 IRI AA . -21.10 6.24 -15.40
N2 IRI AA . -18.54 3.77 -15.61
N2 IRI AA . -20.96 7.14 -18.11
N3 IRI AA . -17.37 2.77 -18.03
N3 IRI AA . -19.19 4.99 -18.73
N4 IRI AA . -18.79 0.31 -17.73
N4 IRI AA . -19.33 4.08 -16.02
N5 IRI AA . -17.13 1.25 -15.60
N5 IRI AA . -18.56 6.77 -16.59
N6 IRI AA . -20.21 2.82 -17.73
N6 IRI AA . -21.74 4.45 -17.55
IR IRI BA . 2.48 36.67 16.80
N1 IRI BA . 2.66 37.77 18.48
N2 IRI BA . 1.76 38.28 15.80
N3 IRI BA . 2.30 35.55 15.11
N4 IRI BA . 3.20 35.05 17.78
N5 IRI BA . 4.37 37.17 16.26
N6 IRI BA . 0.60 36.16 17.33
IR IRI CA . 8.70 20.60 56.26
N1 IRI CA . 10.52 21.47 56.44
N2 IRI CA . 9.00 20.41 54.26
N3 IRI CA . 6.88 19.73 56.05
N4 IRI CA . 8.39 20.79 58.24
N5 IRI CA . 9.53 18.78 56.56
N6 IRI CA . 7.85 22.42 55.94
IR IRI DA . 16.34 3.81 28.21
N1 IRI DA . 16.88 3.76 30.16
N2 IRI DA . 17.44 5.51 27.96
N3 IRI DA . 15.82 3.87 26.25
N4 IRI DA . 15.26 2.12 28.45
N5 IRI DA . 17.98 2.70 27.73
N6 IRI DA . 14.72 4.92 28.68
IR IRI EA . 7.56 -6.50 -13.41
N1 IRI EA . 8.51 -6.27 -11.65
N2 IRI EA . 8.76 -5.10 -14.25
N3 IRI EA . 6.61 -6.74 -15.18
N4 IRI EA . 6.36 -7.90 -12.59
N5 IRI EA . 8.88 -7.94 -13.94
N6 IRI EA . 6.24 -5.05 -12.91
IR IRI FA . -15.71 -2.67 -12.73
N1 IRI FA . -16.44 -2.10 -10.93
N2 IRI FA . -14.24 -1.30 -12.56
N3 IRI FA . -15.01 -3.24 -14.54
N4 IRI FA . -17.20 -4.05 -12.89
N5 IRI FA . -14.53 -4.03 -11.82
N6 IRI FA . -16.90 -1.29 -13.63
N LYS GA . -2.69 0.01 -9.70
CA LYS GA . -1.91 1.26 -9.45
C LYS GA . -2.38 2.38 -10.38
O LYS GA . -3.32 2.21 -11.15
CB LYS GA . -0.42 1.01 -9.59
CG LYS GA . 0.14 0.17 -8.45
CD LYS GA . 1.64 0.04 -8.52
CE LYS GA . 2.17 -0.70 -7.33
NZ LYS GA . 1.74 -2.11 -7.28
OXT LYS GA . -1.85 3.49 -10.37
C12 1PE HA . 15.44 -15.33 -21.45
C22 1PE HA . 16.32 -14.35 -20.69
OH3 1PE HA . 15.91 -13.01 -20.94
C13 1PE HA . 17.29 -11.21 -20.01
C23 1PE HA . 17.00 -12.14 -21.20
#